data_9HAG
#
_entry.id   9HAG
#
_cell.length_a   35.140
_cell.length_b   51.280
_cell.length_c   70.720
_cell.angle_alpha   90.000
_cell.angle_beta   90.000
_cell.angle_gamma   90.000
#
_symmetry.space_group_name_H-M   'P 21 21 21'
#
loop_
_entity.id
_entity.type
_entity.pdbx_description
1 polymer BBF-14
2 non-polymer 'HEXAETHYLENE GLYCOL'
3 non-polymer 'POTASSIUM ION'
4 water water
#
_entity_poly.entity_id   1
_entity_poly.type   'polypeptide(L)'
_entity_poly.pdbx_seq_one_letter_code
;MGTPLWALLGGPWRGTATYEDGTKVTLDYRYTRVSPDRLRADVTYTTPDGTTLEATVDLWKDANGVIRYHATYPDGTSAD
GTLTQLDADTLLATGTYDDGTKYTVTLTRVAPGSGWHHHHHH
;
_entity_poly.pdbx_strand_id   A
#
# COMPACT_ATOMS: atom_id res chain seq x y z
N MET A 1 -17.55 5.06 10.05
CA MET A 1 -17.23 4.97 8.60
C MET A 1 -15.74 4.77 8.40
N GLY A 2 -14.95 5.69 8.97
CA GLY A 2 -13.51 5.60 8.91
C GLY A 2 -12.92 6.32 7.72
N THR A 3 -11.82 5.80 7.20
CA THR A 3 -11.17 6.44 6.06
C THR A 3 -11.90 6.06 4.78
N PRO A 4 -12.44 7.02 4.04
CA PRO A 4 -13.06 6.69 2.74
C PRO A 4 -12.04 6.06 1.80
N LEU A 5 -12.50 5.06 1.05
CA LEU A 5 -11.60 4.40 0.10
C LEU A 5 -10.97 5.41 -0.86
N TRP A 6 -11.75 6.36 -1.37
CA TRP A 6 -11.20 7.28 -2.35
C TRP A 6 -10.23 8.29 -1.74
N ALA A 7 -10.14 8.37 -0.40
CA ALA A 7 -9.09 9.18 0.19
C ALA A 7 -7.72 8.76 -0.34
N LEU A 8 -7.57 7.49 -0.67
CA LEU A 8 -6.28 7.01 -1.14
C LEU A 8 -5.91 7.57 -2.52
N LEU A 9 -6.82 8.27 -3.18
CA LEU A 9 -6.58 8.73 -4.54
C LEU A 9 -5.91 10.09 -4.61
N GLY A 10 -5.79 10.81 -3.50
CA GLY A 10 -5.44 12.21 -3.56
C GLY A 10 -3.96 12.44 -3.48
N GLY A 11 -3.61 13.73 -3.41
CA GLY A 11 -2.25 14.15 -3.14
C GLY A 11 -1.34 13.59 -4.19
N PRO A 12 -0.04 13.85 -4.09
CA PRO A 12 0.90 13.24 -5.03
C PRO A 12 0.85 11.73 -4.89
N TRP A 13 0.96 11.02 -6.00
CA TRP A 13 0.97 9.56 -5.98
C TRP A 13 2.38 9.03 -5.74
N ARG A 14 2.90 9.39 -4.57
CA ARG A 14 4.22 8.94 -4.14
C ARG A 14 4.24 9.02 -2.62
N GLY A 15 4.90 8.05 -2.01
CA GLY A 15 4.98 8.02 -0.58
C GLY A 15 6.26 7.35 -0.14
N THR A 16 6.41 7.19 1.17
CA THR A 16 7.56 6.50 1.74
C THR A 16 7.05 5.46 2.72
N ALA A 17 7.59 4.25 2.62
CA ALA A 17 7.39 3.20 3.62
C ALA A 17 8.53 3.26 4.62
N THR A 18 8.20 3.26 5.91
CA THR A 18 9.20 3.18 6.97
C THR A 18 9.05 1.83 7.67
N TYR A 19 10.16 1.11 7.76
CA TYR A 19 10.21 -0.18 8.41
C TYR A 19 10.55 -0.02 9.89
N GLU A 20 10.48 -1.14 10.60
CA GLU A 20 10.68 -1.13 12.04
C GLU A 20 12.04 -0.59 12.44
N ASP A 21 13.06 -0.84 11.63
CA ASP A 21 14.41 -0.41 11.98
C ASP A 21 14.72 1.00 11.48
N GLY A 22 13.74 1.72 10.94
CA GLY A 22 13.94 3.05 10.47
C GLY A 22 14.25 3.16 8.99
N THR A 23 14.52 2.04 8.33
CA THR A 23 14.75 2.05 6.89
C THR A 23 13.53 2.59 6.16
N LYS A 24 13.78 3.37 5.11
CA LYS A 24 12.71 3.95 4.31
C LYS A 24 12.86 3.51 2.86
N VAL A 25 11.72 3.30 2.22
CA VAL A 25 11.62 2.89 0.83
C VAL A 25 10.63 3.83 0.17
N THR A 26 10.96 4.26 -1.05
CA THR A 26 10.08 5.14 -1.78
C THR A 26 9.09 4.30 -2.57
N LEU A 27 7.82 4.69 -2.51
CA LEU A 27 6.76 4.07 -3.29
C LEU A 27 6.26 5.09 -4.31
N ASP A 28 6.27 4.69 -5.58
CA ASP A 28 5.66 5.44 -6.68
C ASP A 28 4.54 4.59 -7.24
N TYR A 29 3.35 5.16 -7.41
CA TYR A 29 2.22 4.36 -7.84
C TYR A 29 1.37 5.11 -8.86
N ARG A 30 0.57 4.33 -9.58
CA ARG A 30 -0.31 4.85 -10.62
C ARG A 30 -1.61 4.06 -10.57
N TYR A 31 -2.72 4.75 -10.34
CA TYR A 31 -4.02 4.08 -10.34
C TYR A 31 -4.43 3.76 -11.77
N THR A 32 -4.88 2.52 -11.96
CA THR A 32 -5.28 2.02 -13.26
C THR A 32 -6.77 1.73 -13.35
N ARG A 33 -7.43 1.51 -12.23
CA ARG A 33 -8.87 1.31 -12.19
C ARG A 33 -9.41 1.98 -10.94
N VAL A 34 -10.51 2.71 -11.10
CA VAL A 34 -11.17 3.35 -9.97
C VAL A 34 -12.66 3.14 -10.11
N SER A 35 -13.26 2.51 -9.12
CA SER A 35 -14.72 2.45 -8.99
C SER A 35 -15.06 2.77 -7.56
N PRO A 36 -16.32 3.07 -7.26
CA PRO A 36 -16.70 3.42 -5.88
C PRO A 36 -16.23 2.41 -4.86
N ASP A 37 -16.14 1.15 -5.24
CA ASP A 37 -15.85 0.09 -4.27
C ASP A 37 -14.52 -0.60 -4.51
N ARG A 38 -13.72 -0.18 -5.49
CA ARG A 38 -12.46 -0.88 -5.69
C ARG A 38 -11.48 -0.01 -6.45
N LEU A 39 -10.24 -0.05 -6.01
CA LEU A 39 -9.13 0.62 -6.68
C LEU A 39 -8.12 -0.42 -7.12
N ARG A 40 -7.40 -0.11 -8.19
CA ARG A 40 -6.25 -0.90 -8.57
C ARG A 40 -5.11 0.05 -8.93
N ALA A 41 -3.90 -0.29 -8.50
CA ALA A 41 -2.74 0.55 -8.79
C ALA A 41 -1.54 -0.31 -9.12
N ASP A 42 -0.70 0.18 -10.03
CA ASP A 42 0.62 -0.37 -10.23
C ASP A 42 1.58 0.39 -9.33
N VAL A 43 2.42 -0.34 -8.61
CA VAL A 43 3.28 0.23 -7.59
C VAL A 43 4.72 -0.16 -7.89
N THR A 44 5.63 0.81 -7.81
CA THR A 44 7.06 0.55 -7.95
C THR A 44 7.76 1.04 -6.70
N TYR A 45 8.66 0.24 -6.17
CA TYR A 45 9.50 0.67 -5.06
C TYR A 45 10.87 0.04 -5.23
N THR A 46 11.89 0.73 -4.77
CA THR A 46 13.24 0.22 -4.80
C THR A 46 13.69 -0.06 -3.37
N THR A 47 13.92 -1.35 -3.08
CA THR A 47 14.29 -1.76 -1.75
C THR A 47 15.71 -1.30 -1.44
N PRO A 48 16.11 -1.39 -0.17
CA PRO A 48 17.54 -1.33 0.14
C PRO A 48 18.27 -2.43 -0.63
N ASP A 49 19.50 -2.13 -1.04
CA ASP A 49 20.33 -3.02 -1.85
C ASP A 49 19.95 -2.91 -3.33
N GLY A 50 18.99 -2.07 -3.69
CA GLY A 50 18.84 -1.63 -5.06
C GLY A 50 17.91 -2.44 -5.94
N THR A 51 17.36 -3.55 -5.46
CA THR A 51 16.36 -4.25 -6.24
C THR A 51 15.18 -3.32 -6.48
N THR A 52 14.69 -3.30 -7.72
CA THR A 52 13.48 -2.57 -8.07
C THR A 52 12.34 -3.56 -8.24
N LEU A 53 11.24 -3.33 -7.54
CA LEU A 53 10.10 -4.25 -7.54
C LEU A 53 8.86 -3.53 -8.03
N GLU A 54 8.04 -4.25 -8.77
CA GLU A 54 6.75 -3.78 -9.24
C GLU A 54 5.69 -4.71 -8.68
N ALA A 55 4.54 -4.13 -8.35
CA ALA A 55 3.40 -4.92 -7.91
C ALA A 55 2.15 -4.27 -8.47
N THR A 56 1.13 -5.09 -8.61
CA THR A 56 -0.23 -4.64 -8.94
C THR A 56 -1.05 -4.85 -7.68
N VAL A 57 -1.71 -3.80 -7.21
CA VAL A 57 -2.39 -3.81 -5.92
C VAL A 57 -3.86 -3.48 -6.12
N ASP A 58 -4.72 -4.33 -5.59
CA ASP A 58 -6.15 -4.08 -5.51
C ASP A 58 -6.52 -3.67 -4.10
N LEU A 59 -7.39 -2.67 -3.99
CA LEU A 59 -7.76 -2.14 -2.69
C LEU A 59 -9.28 -2.05 -2.60
N TRP A 60 -9.82 -2.32 -1.41
CA TRP A 60 -11.25 -2.21 -1.19
C TRP A 60 -11.45 -1.98 0.30
N LYS A 61 -12.69 -1.70 0.68
CA LYS A 61 -13.06 -1.46 2.07
C LYS A 61 -14.14 -2.47 2.42
N ASP A 62 -13.87 -3.29 3.42
CA ASP A 62 -14.83 -4.33 3.77
C ASP A 62 -15.95 -3.72 4.60
N ALA A 63 -16.95 -4.55 4.92
CA ALA A 63 -18.15 -4.04 5.57
C ALA A 63 -17.89 -3.62 7.02
N ASN A 64 -16.80 -4.08 7.63
CA ASN A 64 -16.39 -3.56 8.93
C ASN A 64 -15.64 -2.25 8.80
N GLY A 65 -15.48 -1.74 7.58
CA GLY A 65 -14.80 -0.50 7.36
C GLY A 65 -13.29 -0.60 7.23
N VAL A 66 -12.76 -1.81 7.12
CA VAL A 66 -11.32 -2.01 7.06
C VAL A 66 -10.88 -1.90 5.60
N ILE A 67 -9.85 -1.09 5.36
CA ILE A 67 -9.25 -1.04 4.04
C ILE A 67 -8.29 -2.21 3.90
N ARG A 68 -8.55 -3.06 2.92
CA ARG A 68 -7.76 -4.25 2.65
C ARG A 68 -7.14 -4.13 1.27
N TYR A 69 -6.04 -4.85 1.08
CA TYR A 69 -5.41 -4.89 -0.23
C TYR A 69 -4.91 -6.29 -0.53
N HIS A 70 -4.70 -6.53 -1.82
CA HIS A 70 -4.14 -7.77 -2.33
C HIS A 70 -3.14 -7.39 -3.41
N ALA A 71 -1.87 -7.69 -3.19
CA ALA A 71 -0.79 -7.31 -4.10
C ALA A 71 -0.27 -8.56 -4.81
N THR A 72 -0.03 -8.45 -6.10
CA THR A 72 0.55 -9.52 -6.89
C THR A 72 1.82 -9.03 -7.55
N TYR A 73 2.85 -9.86 -7.54
CA TYR A 73 4.15 -9.53 -8.10
C TYR A 73 4.39 -10.31 -9.37
N PRO A 74 5.29 -9.84 -10.21
CA PRO A 74 5.54 -10.53 -11.49
C PRO A 74 5.88 -12.00 -11.36
N ASP A 75 6.42 -12.41 -10.21
CA ASP A 75 6.85 -13.79 -10.04
C ASP A 75 5.76 -14.72 -9.54
N GLY A 76 4.55 -14.22 -9.33
CA GLY A 76 3.46 -15.02 -8.82
C GLY A 76 3.22 -14.86 -7.34
N THR A 77 4.22 -14.41 -6.58
CA THR A 77 4.02 -14.16 -5.17
C THR A 77 2.84 -13.19 -4.98
N SER A 78 2.24 -13.27 -3.80
CA SER A 78 1.13 -12.41 -3.45
C SER A 78 1.29 -11.95 -2.01
N ALA A 79 0.64 -10.83 -1.68
CA ALA A 79 0.51 -10.39 -0.30
C ALA A 79 -0.92 -9.92 -0.08
N ASP A 80 -1.45 -10.20 1.11
CA ASP A 80 -2.74 -9.68 1.54
C ASP A 80 -2.53 -8.87 2.82
N GLY A 81 -3.16 -7.71 2.89
CA GLY A 81 -2.93 -6.88 4.05
C GLY A 81 -4.05 -5.92 4.32
N THR A 82 -3.81 -5.06 5.31
CA THR A 82 -4.76 -4.03 5.68
C THR A 82 -4.02 -2.71 5.77
N LEU A 83 -4.75 -1.62 5.53
CA LEU A 83 -4.26 -0.27 5.71
C LEU A 83 -5.10 0.38 6.80
N THR A 84 -4.44 0.87 7.85
CA THR A 84 -5.13 1.51 8.97
C THR A 84 -4.66 2.95 9.07
N GLN A 85 -5.61 3.88 9.07
CA GLN A 85 -5.27 5.28 9.17
C GLN A 85 -4.75 5.59 10.57
N LEU A 86 -3.59 6.25 10.65
CA LEU A 86 -3.05 6.66 11.95
C LEU A 86 -3.39 8.11 12.25
N ASP A 87 -2.94 9.01 11.40
CA ASP A 87 -3.29 10.42 11.46
C ASP A 87 -3.69 10.83 10.05
N ALA A 88 -3.74 12.14 9.80
CA ALA A 88 -4.09 12.58 8.45
C ALA A 88 -3.02 12.16 7.43
N ASP A 89 -1.77 12.05 7.86
CA ASP A 89 -0.67 11.87 6.91
C ASP A 89 -0.29 10.41 6.72
N THR A 90 -0.52 9.56 7.71
CA THR A 90 0.14 8.25 7.76
C THR A 90 -0.85 7.11 7.86
N LEU A 91 -0.49 6.02 7.19
CA LEU A 91 -1.21 4.76 7.29
C LEU A 91 -0.28 3.70 7.89
N LEU A 92 -0.87 2.77 8.65
CA LEU A 92 -0.18 1.57 9.08
C LEU A 92 -0.56 0.45 8.13
N ALA A 93 0.45 -0.16 7.49
CA ALA A 93 0.23 -1.26 6.56
C ALA A 93 0.77 -2.53 7.18
N THR A 94 -0.06 -3.56 7.23
CA THR A 94 0.37 -4.86 7.73
C THR A 94 -0.07 -5.92 6.73
N GLY A 95 0.88 -6.73 6.28
CA GLY A 95 0.61 -7.71 5.24
C GLY A 95 1.15 -9.08 5.61
N THR A 96 0.73 -10.05 4.82
CA THR A 96 1.26 -11.40 4.89
C THR A 96 1.51 -11.86 3.46
N TYR A 97 2.72 -12.31 3.18
CA TYR A 97 3.03 -12.91 1.88
C TYR A 97 2.49 -14.33 1.84
N ASP A 98 2.31 -14.84 0.63
CA ASP A 98 1.77 -16.19 0.52
C ASP A 98 2.70 -17.25 1.11
N ASP A 99 3.95 -16.91 1.41
CA ASP A 99 4.85 -17.85 2.08
C ASP A 99 4.72 -17.80 3.59
N GLY A 100 3.77 -17.05 4.12
CA GLY A 100 3.57 -16.92 5.55
C GLY A 100 4.31 -15.76 6.20
N THR A 101 5.29 -15.18 5.50
CA THR A 101 6.05 -14.09 6.06
C THR A 101 5.19 -12.83 6.17
N LYS A 102 5.34 -12.12 7.28
CA LYS A 102 4.53 -10.95 7.57
C LYS A 102 5.42 -9.71 7.61
N TYR A 103 4.79 -8.56 7.43
CA TYR A 103 5.50 -7.30 7.52
C TYR A 103 4.59 -6.25 8.13
N THR A 104 5.22 -5.22 8.68
CA THR A 104 4.52 -4.05 9.18
C THR A 104 5.35 -2.82 8.81
N VAL A 105 4.73 -1.87 8.11
CA VAL A 105 5.38 -0.62 7.74
C VAL A 105 4.37 0.49 7.89
N THR A 106 4.89 1.70 8.08
CA THR A 106 4.06 2.89 7.99
C THR A 106 4.24 3.46 6.59
N LEU A 107 3.17 4.06 6.08
CA LEU A 107 3.19 4.68 4.76
C LEU A 107 2.80 6.13 4.91
N THR A 108 3.64 7.03 4.42
CA THR A 108 3.37 8.47 4.50
C THR A 108 3.43 9.05 3.11
N ARG A 109 2.40 9.79 2.73
CA ARG A 109 2.41 10.44 1.42
C ARG A 109 3.37 11.62 1.43
N VAL A 110 4.20 11.70 0.39
CA VAL A 110 5.11 12.82 0.27
C VAL A 110 4.31 14.11 0.24
N ALA A 111 4.88 15.16 0.83
CA ALA A 111 4.17 16.42 0.90
C ALA A 111 4.01 17.00 -0.50
N PRO A 112 2.92 17.76 -0.75
CA PRO A 112 2.76 18.44 -2.04
C PRO A 112 3.50 19.78 -2.05
#